data_4U63
#
_entry.id   4U63
#
_cell.length_a   81.867
_cell.length_b   81.867
_cell.length_c   195.952
_cell.angle_alpha   90.00
_cell.angle_beta   90.00
_cell.angle_gamma   120.00
#
_symmetry.space_group_name_H-M   'P 32 2 1'
#
loop_
_entity.id
_entity.type
_entity.pdbx_description
1 polymer 'DNA photolyase'
2 non-polymer '5,10-METHENYL-6,7,8-TRIHYDROFOLIC ACID'
3 non-polymer 'FLAVIN-ADENINE DINUCLEOTIDE'
4 non-polymer 'SULFATE ION'
5 non-polymer 2-AMINO-2-HYDROXYMETHYL-PROPANE-1,3-DIOL
6 water water
#
_entity_poly.entity_id   1
_entity_poly.type   'polypeptide(L)'
_entity_poly.pdbx_seq_one_letter_code
;MRGSHHHHHHGSHVISSIASSLKTAPVIVWFRKDLRLSDNLALLAAVEHGGPVIPVYIREKSAGPLGGAQEWWLHHSLAA
LSSSLEKAGGRLVLASGDAERILRDLISETGADTVVWNRRYDPTGMATDKALKQKLRDDGLTVRSFSGQLLHEPSRLQTK
SGGPYRVYTPFWRALEGSDEPHAPADPPKSLTAPKVWPKSEKLSNWKLLPTKPDWAKDFSDIWTPGETGALDKLDDFIDG
ALKGYEEGRDFPAKPATSLLSPHLAAGEISPAAVWHATKGLSRHIASNDISRFRKEIVWREFCYHLLFHFPELGEKNWND
SFDAFSWRDDEKSFKAWTRGMTGYPIVDAGMRQLWQHGTMHNRVRMIVASFLIKHLLIDWRKGEKWFRDTLVDADPASNA
ANWQWVAGSGADASPFFRIFNPILQGEKFDGDGDYVRRFVPELEKLERKYIHKPFEAPKDALKKAGVELGKTYPLPIVDH
GKARERALAAYAAVKKTT
;
_entity_poly.pdbx_strand_id   A
#
# COMPACT_ATOMS: atom_id res chain seq x y z
N SER A 16 -9.27 -44.72 23.27
CA SER A 16 -10.00 -44.20 22.06
C SER A 16 -11.12 -45.12 21.56
N SER A 17 -11.46 -46.17 22.30
CA SER A 17 -12.56 -47.05 21.94
C SER A 17 -13.67 -46.96 22.98
N ILE A 18 -13.35 -47.21 24.24
CA ILE A 18 -14.42 -47.27 25.25
C ILE A 18 -14.55 -46.07 26.17
N ALA A 19 -13.64 -45.10 26.06
CA ALA A 19 -13.74 -43.86 26.80
C ALA A 19 -13.47 -42.73 25.84
N SER A 20 -14.25 -42.73 24.77
CA SER A 20 -14.06 -41.81 23.66
C SER A 20 -14.85 -40.54 23.87
N SER A 21 -14.16 -39.40 23.95
CA SER A 21 -14.83 -38.12 24.02
C SER A 21 -15.30 -37.83 22.62
N LEU A 22 -16.46 -37.20 22.50
CA LEU A 22 -16.98 -36.82 21.20
C LEU A 22 -16.09 -35.71 20.65
N LYS A 23 -15.45 -35.98 19.51
CA LYS A 23 -14.47 -35.06 18.94
C LYS A 23 -15.11 -33.88 18.26
N THR A 24 -14.31 -32.83 18.15
CA THR A 24 -14.73 -31.59 17.54
C THR A 24 -14.23 -31.59 16.11
N ALA A 25 -15.09 -31.15 15.19
CA ALA A 25 -14.71 -31.06 13.78
C ALA A 25 -13.60 -30.02 13.58
N PRO A 26 -12.79 -30.16 12.53
CA PRO A 26 -11.85 -29.09 12.21
C PRO A 26 -12.51 -27.79 11.77
N VAL A 27 -11.67 -26.77 11.69
CA VAL A 27 -12.04 -25.45 11.20
C VAL A 27 -10.94 -24.98 10.25
N ILE A 28 -11.33 -24.47 9.08
CA ILE A 28 -10.40 -23.93 8.11
C ILE A 28 -10.30 -22.43 8.28
N VAL A 29 -9.06 -21.93 8.33
CA VAL A 29 -8.79 -20.50 8.36
C VAL A 29 -8.16 -20.13 7.04
N TRP A 30 -8.88 -19.35 6.24
CA TRP A 30 -8.39 -18.94 4.93
C TRP A 30 -7.74 -17.56 5.03
N PHE A 31 -6.40 -17.53 4.89
CA PHE A 31 -5.59 -16.31 4.89
C PHE A 31 -5.53 -15.69 3.49
N ARG A 32 -5.63 -14.35 3.43
CA ARG A 32 -5.49 -13.59 2.19
C ARG A 32 -4.50 -12.41 2.38
N LYS A 33 -4.96 -11.22 2.74
CA LYS A 33 -4.05 -10.10 3.05
C LYS A 33 -4.23 -9.78 4.53
N ASP A 34 -3.97 -10.79 5.34
CA ASP A 34 -4.12 -10.72 6.79
C ASP A 34 -3.08 -11.64 7.40
N LEU A 35 -1.84 -11.52 6.92
CA LEU A 35 -0.80 -12.51 7.22
C LEU A 35 -0.14 -12.23 8.55
N ARG A 36 -0.90 -12.49 9.59
CA ARG A 36 -0.50 -12.24 10.96
C ARG A 36 -1.26 -13.20 11.89
N LEU A 37 -0.67 -13.47 13.05
CA LEU A 37 -1.36 -14.22 14.12
C LEU A 37 -1.97 -13.30 15.19
N SER A 38 -1.42 -12.09 15.34
CA SER A 38 -1.88 -11.13 16.35
C SER A 38 -3.08 -10.35 15.86
N ASP A 39 -3.92 -9.94 16.79
CA ASP A 39 -5.15 -9.21 16.52
C ASP A 39 -5.87 -9.77 15.28
N ASN A 40 -6.03 -11.09 15.27
CA ASN A 40 -6.63 -11.79 14.14
C ASN A 40 -7.88 -12.51 14.63
N LEU A 41 -9.03 -11.85 14.43
CA LEU A 41 -10.31 -12.36 14.98
C LEU A 41 -10.75 -13.68 14.35
N ALA A 42 -10.43 -13.87 13.07
CA ALA A 42 -10.76 -15.14 12.41
C ALA A 42 -9.99 -16.29 13.05
N LEU A 43 -8.69 -16.11 13.21
CA LEU A 43 -7.85 -17.13 13.85
C LEU A 43 -8.32 -17.41 15.30
N LEU A 44 -8.61 -16.35 16.04
CA LEU A 44 -9.14 -16.50 17.41
C LEU A 44 -10.47 -17.25 17.42
N ALA A 45 -11.33 -16.97 16.45
CA ALA A 45 -12.57 -17.73 16.28
C ALA A 45 -12.30 -19.22 16.06
N ALA A 46 -11.29 -19.53 15.23
CA ALA A 46 -10.91 -20.93 14.98
C ALA A 46 -10.43 -21.61 16.27
N VAL A 47 -9.69 -20.88 17.10
CA VAL A 47 -9.22 -21.41 18.38
C VAL A 47 -10.43 -21.65 19.31
N GLU A 48 -11.35 -20.69 19.35
CA GLU A 48 -12.54 -20.81 20.19
C GLU A 48 -13.43 -21.97 19.75
N HIS A 49 -13.50 -22.17 18.43
CA HIS A 49 -14.24 -23.27 17.82
C HIS A 49 -13.78 -24.65 18.35
N GLY A 50 -12.49 -24.79 18.63
CA GLY A 50 -11.94 -26.07 19.05
C GLY A 50 -11.65 -26.96 17.86
N GLY A 51 -11.07 -28.12 18.14
CA GLY A 51 -10.69 -29.06 17.10
C GLY A 51 -9.50 -28.58 16.28
N PRO A 52 -9.08 -29.38 15.28
CA PRO A 52 -7.95 -29.02 14.43
C PRO A 52 -8.16 -27.73 13.64
N VAL A 53 -7.12 -26.90 13.61
CA VAL A 53 -7.10 -25.67 12.84
C VAL A 53 -6.32 -25.94 11.56
N ILE A 54 -6.93 -25.63 10.42
CA ILE A 54 -6.34 -25.85 9.11
C ILE A 54 -6.14 -24.50 8.41
N PRO A 55 -4.95 -23.89 8.58
CA PRO A 55 -4.66 -22.64 7.86
C PRO A 55 -4.35 -22.90 6.39
N VAL A 56 -4.94 -22.11 5.52
CA VAL A 56 -4.71 -22.23 4.07
C VAL A 56 -4.55 -20.83 3.45
N TYR A 57 -3.62 -20.74 2.51
CA TYR A 57 -3.49 -19.57 1.66
C TYR A 57 -3.68 -20.06 0.22
N ILE A 58 -4.60 -19.43 -0.48
CA ILE A 58 -4.96 -19.79 -1.84
C ILE A 58 -4.48 -18.72 -2.81
N ARG A 59 -3.82 -19.17 -3.87
CA ARG A 59 -3.43 -18.32 -4.98
C ARG A 59 -4.68 -18.24 -5.88
N GLU A 60 -5.43 -17.17 -5.71
CA GLU A 60 -6.63 -16.90 -6.50
C GLU A 60 -6.22 -16.26 -7.83
N LYS A 61 -7.13 -16.32 -8.80
CA LYS A 61 -6.89 -15.72 -10.13
C LYS A 61 -6.95 -14.18 -10.07
N SER A 62 -7.98 -13.66 -9.40
CA SER A 62 -8.21 -12.22 -9.43
C SER A 62 -7.45 -11.48 -8.33
N ALA A 63 -7.59 -11.94 -7.09
CA ALA A 63 -6.97 -11.29 -5.93
C ALA A 63 -5.53 -11.75 -5.69
N GLY A 64 -4.81 -11.01 -4.85
CA GLY A 64 -3.42 -11.31 -4.54
C GLY A 64 -2.51 -10.09 -4.73
N PRO A 65 -1.19 -10.32 -4.91
CA PRO A 65 -0.27 -9.18 -5.08
C PRO A 65 -0.61 -8.34 -6.28
N LEU A 66 -0.55 -7.03 -6.12
CA LEU A 66 -0.91 -6.13 -7.20
C LEU A 66 0.18 -6.02 -8.28
N GLY A 67 1.38 -6.54 -8.01
CA GLY A 67 2.47 -6.47 -8.96
C GLY A 67 3.74 -7.16 -8.52
N GLY A 68 4.80 -6.96 -9.31
CA GLY A 68 6.10 -7.63 -9.09
C GLY A 68 6.74 -7.37 -7.74
N ALA A 69 6.79 -6.12 -7.31
CA ALA A 69 7.34 -5.79 -5.98
C ALA A 69 6.55 -6.48 -4.84
N GLN A 70 5.23 -6.49 -4.98
CA GLN A 70 4.37 -7.12 -3.98
C GLN A 70 4.46 -8.66 -3.99
N GLU A 71 4.82 -9.24 -5.14
CA GLU A 71 5.10 -10.68 -5.20
C GLU A 71 6.36 -11.03 -4.40
N TRP A 72 7.39 -10.19 -4.50
CA TRP A 72 8.57 -10.32 -3.64
C TRP A 72 8.14 -10.27 -2.19
N TRP A 73 7.31 -9.29 -1.85
CA TRP A 73 6.79 -9.14 -0.50
C TRP A 73 6.03 -10.40 -0.05
N LEU A 74 5.13 -10.87 -0.91
CA LEU A 74 4.27 -12.00 -0.57
C LEU A 74 5.07 -13.26 -0.28
N HIS A 75 6.09 -13.53 -1.09
CA HIS A 75 6.92 -14.70 -0.86
C HIS A 75 7.46 -14.71 0.58
N HIS A 76 8.10 -13.61 0.95
CA HIS A 76 8.71 -13.52 2.27
C HIS A 76 7.66 -13.50 3.39
N SER A 77 6.53 -12.85 3.13
CA SER A 77 5.44 -12.83 4.07
C SER A 77 4.90 -14.23 4.35
N LEU A 78 4.68 -15.01 3.29
CA LEU A 78 4.21 -16.40 3.44
C LEU A 78 5.23 -17.30 4.13
N ALA A 79 6.50 -17.11 3.82
CA ALA A 79 7.55 -17.85 4.51
C ALA A 79 7.53 -17.52 6.01
N ALA A 80 7.40 -16.24 6.35
CA ALA A 80 7.36 -15.84 7.76
C ALA A 80 6.12 -16.36 8.48
N LEU A 81 4.96 -16.27 7.83
CA LEU A 81 3.72 -16.76 8.43
C LEU A 81 3.79 -18.27 8.68
N SER A 82 4.28 -19.01 7.68
CA SER A 82 4.46 -20.46 7.80
CA SER A 82 4.47 -20.45 7.80
C SER A 82 5.31 -20.78 9.02
N SER A 83 6.43 -20.06 9.17
CA SER A 83 7.33 -20.28 10.30
CA SER A 83 7.33 -20.28 10.30
C SER A 83 6.61 -20.01 11.62
N SER A 84 5.85 -18.91 11.68
CA SER A 84 5.13 -18.56 12.91
C SER A 84 4.05 -19.60 13.26
N LEU A 85 3.34 -20.09 12.25
CA LEU A 85 2.33 -21.13 12.45
C LEU A 85 2.94 -22.45 12.95
N GLU A 86 4.09 -22.82 12.39
CA GLU A 86 4.80 -24.03 12.80
C GLU A 86 5.31 -23.95 14.24
N LYS A 87 5.72 -22.75 14.65
N LYS A 87 5.73 -22.76 14.69
CA LYS A 87 6.11 -22.49 16.04
CA LYS A 87 6.10 -22.56 16.10
C LYS A 87 4.94 -22.73 17.01
C LYS A 87 4.91 -22.80 17.03
N ALA A 88 3.72 -22.46 16.55
CA ALA A 88 2.49 -22.69 17.32
C ALA A 88 1.95 -24.13 17.21
N GLY A 89 2.58 -24.97 16.41
CA GLY A 89 2.20 -26.37 16.27
C GLY A 89 1.39 -26.63 15.01
N GLY A 90 1.19 -25.59 14.20
CA GLY A 90 0.41 -25.69 12.98
C GLY A 90 1.27 -25.77 11.73
N ARG A 91 0.64 -25.47 10.61
CA ARG A 91 1.29 -25.38 9.31
C ARG A 91 0.46 -24.44 8.48
N LEU A 92 1.02 -24.02 7.35
CA LEU A 92 0.28 -23.27 6.35
C LEU A 92 0.15 -24.12 5.08
N VAL A 93 -1.07 -24.50 4.76
CA VAL A 93 -1.35 -25.20 3.50
C VAL A 93 -1.37 -24.18 2.36
N LEU A 94 -0.62 -24.46 1.31
CA LEU A 94 -0.60 -23.63 0.12
C LEU A 94 -1.34 -24.34 -0.99
N ALA A 95 -2.19 -23.60 -1.70
CA ALA A 95 -2.99 -24.16 -2.79
C ALA A 95 -3.23 -23.10 -3.87
N SER A 96 -3.34 -23.55 -5.12
CA SER A 96 -3.56 -22.65 -6.25
C SER A 96 -4.79 -23.07 -7.02
N GLY A 97 -5.63 -22.09 -7.37
CA GLY A 97 -6.77 -22.34 -8.26
C GLY A 97 -8.05 -21.76 -7.72
N ASP A 98 -9.17 -22.40 -8.07
CA ASP A 98 -10.50 -21.94 -7.70
C ASP A 98 -10.72 -22.12 -6.19
N ALA A 99 -11.05 -21.03 -5.52
CA ALA A 99 -11.19 -21.03 -4.06
C ALA A 99 -12.29 -21.98 -3.60
N GLU A 100 -13.44 -21.97 -4.28
CA GLU A 100 -14.54 -22.83 -3.91
C GLU A 100 -14.14 -24.31 -3.99
N ARG A 101 -13.53 -24.70 -5.11
CA ARG A 101 -13.09 -26.08 -5.32
C ARG A 101 -12.05 -26.48 -4.26
N ILE A 102 -11.09 -25.61 -3.99
CA ILE A 102 -10.05 -25.89 -2.99
C ILE A 102 -10.65 -26.05 -1.59
N LEU A 103 -11.53 -25.13 -1.23
CA LEU A 103 -12.16 -25.17 0.09
C LEU A 103 -13.05 -26.41 0.25
N ARG A 104 -13.83 -26.74 -0.77
CA ARG A 104 -14.66 -27.95 -0.73
C ARG A 104 -13.82 -29.22 -0.59
N ASP A 105 -12.70 -29.27 -1.31
CA ASP A 105 -11.79 -30.40 -1.21
C ASP A 105 -11.17 -30.51 0.19
N LEU A 106 -10.74 -29.39 0.76
CA LEU A 106 -10.21 -29.36 2.15
C LEU A 106 -11.28 -29.79 3.16
N ILE A 107 -12.49 -29.30 2.98
CA ILE A 107 -13.62 -29.66 3.83
C ILE A 107 -13.89 -31.15 3.79
N SER A 108 -13.97 -31.70 2.57
CA SER A 108 -14.20 -33.12 2.37
C SER A 108 -13.11 -33.98 3.02
N GLU A 109 -11.85 -33.62 2.80
CA GLU A 109 -10.71 -34.37 3.34
C GLU A 109 -10.65 -34.34 4.86
N THR A 110 -10.78 -33.13 5.43
CA THR A 110 -10.58 -32.94 6.87
C THR A 110 -11.82 -33.18 7.72
N GLY A 111 -13.00 -33.03 7.12
CA GLY A 111 -14.28 -33.09 7.85
C GLY A 111 -14.63 -31.78 8.56
N ALA A 112 -13.96 -30.68 8.19
CA ALA A 112 -14.19 -29.38 8.79
C ALA A 112 -15.66 -28.98 8.64
N ASP A 113 -16.21 -28.33 9.67
CA ASP A 113 -17.60 -27.86 9.59
C ASP A 113 -17.69 -26.33 9.47
N THR A 114 -16.54 -25.65 9.47
CA THR A 114 -16.49 -24.20 9.47
C THR A 114 -15.32 -23.69 8.64
N VAL A 115 -15.58 -22.59 7.93
CA VAL A 115 -14.54 -21.82 7.27
C VAL A 115 -14.62 -20.42 7.83
N VAL A 116 -13.49 -19.87 8.26
CA VAL A 116 -13.42 -18.50 8.69
C VAL A 116 -12.40 -17.71 7.87
N TRP A 117 -12.65 -16.41 7.76
CA TRP A 117 -11.70 -15.49 7.17
C TRP A 117 -11.90 -14.08 7.70
N ASN A 118 -10.87 -13.27 7.53
CA ASN A 118 -10.96 -11.85 7.80
C ASN A 118 -11.47 -11.13 6.57
N ARG A 119 -12.43 -10.24 6.80
CA ARG A 119 -13.04 -9.49 5.71
C ARG A 119 -11.99 -8.67 4.98
N ARG A 120 -12.19 -8.56 3.67
CA ARG A 120 -11.39 -7.70 2.82
C ARG A 120 -12.37 -6.75 2.20
N TYR A 121 -12.01 -5.48 2.16
CA TYR A 121 -12.97 -4.44 1.90
C TYR A 121 -12.86 -3.80 0.52
N ASP A 122 -11.91 -4.25 -0.28
CA ASP A 122 -11.92 -3.91 -1.70
C ASP A 122 -13.17 -4.55 -2.32
N PRO A 123 -13.96 -3.76 -3.08
CA PRO A 123 -15.23 -4.32 -3.59
C PRO A 123 -15.12 -5.67 -4.34
N THR A 124 -14.10 -5.87 -5.17
CA THR A 124 -13.97 -7.14 -5.92
CA THR A 124 -13.92 -7.13 -5.93
C THR A 124 -13.78 -8.33 -4.99
N GLY A 125 -12.88 -8.21 -4.03
CA GLY A 125 -12.65 -9.28 -3.03
C GLY A 125 -13.88 -9.51 -2.16
N MET A 126 -14.54 -8.43 -1.74
CA MET A 126 -15.75 -8.54 -0.92
C MET A 126 -16.87 -9.27 -1.70
N ALA A 127 -16.99 -8.98 -2.99
CA ALA A 127 -17.99 -9.65 -3.83
C ALA A 127 -17.68 -11.13 -4.02
N THR A 128 -16.40 -11.45 -4.23
CA THR A 128 -15.95 -12.84 -4.30
C THR A 128 -16.32 -13.60 -3.01
N ASP A 129 -16.01 -12.98 -1.87
CA ASP A 129 -16.34 -13.55 -0.57
C ASP A 129 -17.84 -13.71 -0.36
N LYS A 130 -18.63 -12.70 -0.72
CA LYS A 130 -20.09 -12.79 -0.57
C LYS A 130 -20.66 -13.99 -1.35
N ALA A 131 -20.20 -14.16 -2.58
CA ALA A 131 -20.70 -15.24 -3.44
C ALA A 131 -20.31 -16.61 -2.89
N LEU A 132 -19.05 -16.72 -2.49
CA LEU A 132 -18.51 -17.96 -1.97
C LEU A 132 -19.22 -18.36 -0.68
N LYS A 133 -19.41 -17.37 0.20
CA LYS A 133 -20.07 -17.57 1.49
C LYS A 133 -21.48 -18.15 1.30
N GLN A 134 -22.25 -17.57 0.37
CA GLN A 134 -23.59 -18.07 0.10
C GLN A 134 -23.58 -19.50 -0.43
N LYS A 135 -22.66 -19.81 -1.33
CA LYS A 135 -22.55 -21.17 -1.90
C LYS A 135 -22.22 -22.20 -0.82
N LEU A 136 -21.28 -21.86 0.05
CA LEU A 136 -20.88 -22.79 1.12
C LEU A 136 -22.01 -22.95 2.14
N ARG A 137 -22.66 -21.84 2.51
CA ARG A 137 -23.79 -21.90 3.45
C ARG A 137 -24.96 -22.70 2.90
N ASP A 138 -25.20 -22.58 1.59
CA ASP A 138 -26.24 -23.34 0.92
C ASP A 138 -26.00 -24.86 1.01
N ASP A 139 -24.74 -25.28 1.15
CA ASP A 139 -24.42 -26.70 1.35
C ASP A 139 -24.21 -27.06 2.83
N GLY A 140 -24.69 -26.20 3.73
CA GLY A 140 -24.73 -26.52 5.14
C GLY A 140 -23.43 -26.36 5.88
N LEU A 141 -22.54 -25.52 5.35
CA LEU A 141 -21.28 -25.20 6.02
C LEU A 141 -21.42 -23.89 6.77
N THR A 142 -20.73 -23.79 7.91
CA THR A 142 -20.68 -22.55 8.66
C THR A 142 -19.55 -21.69 8.09
N VAL A 143 -19.86 -20.44 7.79
CA VAL A 143 -18.89 -19.50 7.28
C VAL A 143 -19.02 -18.23 8.10
N ARG A 144 -17.89 -17.75 8.64
CA ARG A 144 -17.87 -16.54 9.44
C ARG A 144 -16.72 -15.65 9.00
N SER A 145 -17.00 -14.36 8.86
CA SER A 145 -16.00 -13.35 8.46
C SER A 145 -15.86 -12.29 9.54
N PHE A 146 -14.67 -11.69 9.62
CA PHE A 146 -14.33 -10.81 10.75
C PHE A 146 -13.69 -9.50 10.35
N SER A 147 -13.95 -8.48 11.16
CA SER A 147 -13.34 -7.17 11.00
CA SER A 147 -13.33 -7.17 11.00
C SER A 147 -11.87 -7.23 11.42
N GLY A 148 -11.12 -6.20 11.05
CA GLY A 148 -9.70 -6.10 11.39
C GLY A 148 -8.89 -5.26 10.42
N GLN A 149 -9.20 -5.34 9.13
CA GLN A 149 -8.45 -4.62 8.11
CA GLN A 149 -8.45 -4.62 8.11
C GLN A 149 -8.57 -3.10 8.27
N LEU A 150 -9.76 -2.65 8.68
CA LEU A 150 -10.06 -1.23 8.85
C LEU A 150 -10.59 -0.91 10.25
N LEU A 151 -10.30 0.30 10.69
CA LEU A 151 -10.86 0.85 11.93
C LEU A 151 -12.36 1.10 11.84
N HIS A 152 -12.84 1.41 10.63
CA HIS A 152 -14.28 1.70 10.44
C HIS A 152 -14.89 0.70 9.48
N GLU A 153 -16.22 0.67 9.45
CA GLU A 153 -16.97 -0.19 8.56
C GLU A 153 -17.51 0.69 7.43
N PRO A 154 -16.91 0.59 6.21
CA PRO A 154 -17.33 1.54 5.18
C PRO A 154 -18.78 1.45 4.77
N SER A 155 -19.40 0.28 4.90
CA SER A 155 -20.79 0.10 4.50
C SER A 155 -21.78 0.63 5.54
N ARG A 156 -21.31 0.93 6.74
CA ARG A 156 -22.18 1.41 7.81
C ARG A 156 -21.96 2.87 8.20
N LEU A 157 -20.73 3.35 8.13
CA LEU A 157 -20.42 4.71 8.58
C LEU A 157 -20.98 5.75 7.61
N GLN A 158 -21.79 6.66 8.14
CA GLN A 158 -22.36 7.77 7.35
C GLN A 158 -22.23 9.07 8.09
N THR A 159 -22.36 10.17 7.35
CA THR A 159 -22.38 11.47 7.96
C THR A 159 -23.58 11.60 8.88
N LYS A 160 -23.56 12.63 9.69
CA LYS A 160 -24.68 12.94 10.57
C LYS A 160 -25.99 13.08 9.77
N SER A 161 -25.88 13.46 8.50
CA SER A 161 -27.04 13.61 7.61
C SER A 161 -27.24 12.43 6.63
N GLY A 162 -26.66 11.27 6.93
CA GLY A 162 -26.98 10.03 6.23
C GLY A 162 -26.29 9.81 4.90
N GLY A 163 -25.20 10.53 4.66
CA GLY A 163 -24.46 10.37 3.42
C GLY A 163 -23.15 9.64 3.58
N PRO A 164 -22.55 9.22 2.47
CA PRO A 164 -21.17 8.79 2.49
C PRO A 164 -20.28 9.96 2.84
N TYR A 165 -19.16 9.75 3.52
CA TYR A 165 -18.16 10.79 3.62
C TYR A 165 -17.47 11.01 2.26
N ARG A 166 -17.54 12.25 1.77
CA ARG A 166 -16.89 12.67 0.53
C ARG A 166 -15.67 13.54 0.78
N VAL A 167 -15.49 13.99 2.03
CA VAL A 167 -14.48 14.99 2.42
C VAL A 167 -13.72 14.50 3.65
N TYR A 168 -12.39 14.66 3.63
CA TYR A 168 -11.55 14.07 4.68
C TYR A 168 -11.81 14.60 6.09
N THR A 169 -11.80 15.91 6.27
CA THR A 169 -11.83 16.46 7.63
C THR A 169 -13.03 15.97 8.47
N PRO A 170 -14.28 16.02 7.94
CA PRO A 170 -15.39 15.47 8.74
C PRO A 170 -15.26 13.96 9.06
N PHE A 171 -14.70 13.20 8.11
CA PHE A 171 -14.45 11.76 8.28
C PHE A 171 -13.41 11.55 9.40
N TRP A 172 -12.32 12.30 9.35
CA TRP A 172 -11.32 12.29 10.44
C TRP A 172 -11.95 12.61 11.80
N ARG A 173 -12.77 13.66 11.84
CA ARG A 173 -13.43 14.05 13.10
C ARG A 173 -14.34 12.92 13.62
N ALA A 174 -15.06 12.26 12.73
CA ALA A 174 -15.90 11.10 13.12
C ALA A 174 -15.06 9.95 13.73
N LEU A 175 -13.97 9.58 13.05
CA LEU A 175 -13.09 8.50 13.56
C LEU A 175 -12.32 8.91 14.82
N GLU A 176 -11.86 10.15 14.87
CA GLU A 176 -11.20 10.69 16.06
C GLU A 176 -12.18 10.70 17.24
N GLY A 177 -13.43 11.08 16.98
CA GLY A 177 -14.45 11.20 18.02
C GLY A 177 -15.12 9.90 18.44
N SER A 178 -14.86 8.82 17.70
CA SER A 178 -15.51 7.54 17.99
C SER A 178 -14.85 6.90 19.19
N ASP A 179 -15.54 5.94 19.80
CA ASP A 179 -14.94 5.18 20.88
C ASP A 179 -13.65 4.60 20.36
N GLU A 180 -12.60 4.65 21.18
CA GLU A 180 -11.32 4.05 20.84
C GLU A 180 -11.54 2.76 20.08
N PRO A 181 -10.77 2.54 18.99
CA PRO A 181 -10.86 1.18 18.50
C PRO A 181 -10.52 0.22 19.63
N HIS A 182 -11.17 -0.94 19.65
CA HIS A 182 -10.91 -1.97 20.65
C HIS A 182 -9.41 -2.27 20.64
N ALA A 183 -8.80 -2.44 21.81
CA ALA A 183 -7.38 -2.79 21.91
C ALA A 183 -7.10 -4.10 21.17
N PRO A 184 -5.85 -4.31 20.71
CA PRO A 184 -5.55 -5.52 19.92
C PRO A 184 -5.53 -6.81 20.76
N ALA A 185 -6.05 -7.90 20.19
CA ALA A 185 -6.04 -9.20 20.86
C ALA A 185 -4.70 -9.90 20.69
N ASP A 186 -4.32 -10.65 21.72
CA ASP A 186 -3.07 -11.42 21.70
C ASP A 186 -3.13 -12.52 20.63
N PRO A 187 -1.97 -12.89 20.08
CA PRO A 187 -1.94 -14.04 19.19
C PRO A 187 -2.06 -15.35 19.99
N PRO A 188 -2.67 -16.39 19.39
CA PRO A 188 -2.64 -17.69 20.06
C PRO A 188 -1.21 -18.23 20.03
N LYS A 189 -0.79 -18.83 21.13
N LYS A 189 -0.78 -18.83 21.12
CA LYS A 189 0.57 -19.40 21.24
CA LYS A 189 0.58 -19.39 21.21
C LYS A 189 0.63 -20.87 20.81
C LYS A 189 0.65 -20.88 20.82
N SER A 190 -0.52 -21.53 20.74
CA SER A 190 -0.59 -22.91 20.29
C SER A 190 -1.85 -23.09 19.44
N LEU A 191 -1.74 -23.92 18.42
CA LEU A 191 -2.88 -24.27 17.57
C LEU A 191 -2.97 -25.78 17.53
N THR A 192 -4.20 -26.28 17.60
CA THR A 192 -4.45 -27.72 17.52
C THR A 192 -4.30 -28.15 16.06
N ALA A 193 -3.55 -29.21 15.84
CA ALA A 193 -3.24 -29.71 14.51
C ALA A 193 -4.03 -30.98 14.23
N PRO A 194 -4.38 -31.21 12.95
CA PRO A 194 -4.98 -32.49 12.60
C PRO A 194 -3.92 -33.58 12.68
N LYS A 195 -4.36 -34.82 12.86
CA LYS A 195 -3.43 -35.96 12.88
C LYS A 195 -2.71 -36.08 11.55
N VAL A 196 -3.45 -35.88 10.45
CA VAL A 196 -2.92 -35.92 9.09
C VAL A 196 -3.15 -34.55 8.43
N TRP A 197 -2.09 -33.93 7.92
CA TRP A 197 -2.21 -32.63 7.23
C TRP A 197 -2.59 -32.84 5.76
N PRO A 198 -3.50 -32.01 5.21
CA PRO A 198 -3.69 -32.02 3.76
C PRO A 198 -2.41 -31.65 3.06
N LYS A 199 -2.23 -32.14 1.84
CA LYS A 199 -1.03 -31.86 1.07
C LYS A 199 -0.95 -30.39 0.70
N SER A 200 0.27 -29.88 0.62
CA SER A 200 0.52 -28.46 0.35
C SER A 200 1.44 -28.30 -0.85
N GLU A 201 1.21 -27.24 -1.62
CA GLU A 201 2.14 -26.84 -2.68
C GLU A 201 3.42 -26.26 -2.05
N LYS A 202 4.50 -26.24 -2.84
CA LYS A 202 5.77 -25.68 -2.39
C LYS A 202 5.83 -24.21 -2.80
N LEU A 203 6.13 -23.34 -1.84
CA LEU A 203 6.19 -21.90 -2.09
C LEU A 203 7.17 -21.55 -3.21
N SER A 204 8.31 -22.24 -3.24
CA SER A 204 9.33 -22.02 -4.26
C SER A 204 8.80 -22.21 -5.68
N ASN A 205 7.78 -23.06 -5.86
CA ASN A 205 7.21 -23.31 -7.18
C ASN A 205 6.26 -22.20 -7.66
N TRP A 206 5.95 -21.26 -6.79
CA TRP A 206 5.06 -20.14 -7.15
C TRP A 206 5.77 -19.01 -7.92
N LYS A 207 7.11 -19.07 -8.01
CA LYS A 207 7.89 -18.13 -8.81
C LYS A 207 7.62 -16.67 -8.44
N LEU A 208 7.52 -16.40 -7.14
CA LEU A 208 7.23 -15.07 -6.66
C LEU A 208 8.47 -14.19 -6.59
N LEU A 209 9.65 -14.81 -6.48
CA LEU A 209 10.89 -14.04 -6.33
C LEU A 209 11.57 -13.74 -7.66
N PRO A 210 12.32 -12.61 -7.73
CA PRO A 210 13.21 -12.40 -8.87
C PRO A 210 14.32 -13.43 -8.86
N THR A 211 14.87 -13.75 -10.02
CA THR A 211 15.95 -14.73 -10.12
C THR A 211 17.21 -14.03 -10.60
N LYS A 212 17.32 -13.81 -11.91
CA LYS A 212 18.48 -13.15 -12.50
C LYS A 212 17.96 -12.14 -13.52
N PRO A 213 18.19 -10.83 -13.34
CA PRO A 213 18.88 -10.26 -12.17
C PRO A 213 17.98 -10.17 -10.96
N ASP A 214 18.57 -10.13 -9.77
CA ASP A 214 17.79 -9.88 -8.56
C ASP A 214 17.61 -8.37 -8.43
N TRP A 215 16.58 -7.87 -9.11
CA TRP A 215 16.26 -6.45 -9.09
C TRP A 215 15.73 -5.96 -7.74
N ALA A 216 15.38 -6.89 -6.85
CA ALA A 216 14.95 -6.56 -5.50
C ALA A 216 16.09 -6.69 -4.50
N LYS A 217 17.34 -6.72 -4.98
CA LYS A 217 18.46 -6.99 -4.09
C LYS A 217 18.62 -5.97 -2.97
N ASP A 218 18.15 -4.73 -3.18
CA ASP A 218 18.23 -3.70 -2.13
C ASP A 218 16.95 -3.57 -1.30
N PHE A 219 15.90 -4.31 -1.65
CA PHE A 219 14.66 -4.29 -0.87
C PHE A 219 14.93 -4.70 0.58
N SER A 220 15.78 -5.71 0.78
CA SER A 220 16.07 -6.20 2.12
C SER A 220 16.83 -5.19 2.99
N ASP A 221 17.41 -4.15 2.38
CA ASP A 221 18.07 -3.07 3.13
C ASP A 221 17.05 -2.26 3.91
N ILE A 222 15.82 -2.23 3.38
CA ILE A 222 14.73 -1.47 3.95
C ILE A 222 13.66 -2.35 4.61
N TRP A 223 13.41 -3.52 4.06
CA TRP A 223 12.22 -4.29 4.40
C TRP A 223 12.50 -5.67 4.98
N THR A 224 11.65 -6.07 5.94
CA THR A 224 11.60 -7.42 6.49
C THR A 224 10.13 -7.83 6.50
N PRO A 225 9.65 -8.41 5.39
CA PRO A 225 8.23 -8.74 5.33
C PRO A 225 7.77 -9.72 6.40
N GLY A 226 6.54 -9.52 6.86
CA GLY A 226 5.92 -10.40 7.83
C GLY A 226 5.57 -9.68 9.10
N GLU A 227 4.88 -10.41 9.99
CA GLU A 227 4.40 -9.87 11.24
C GLU A 227 5.51 -9.38 12.20
N THR A 228 6.54 -10.19 12.37
CA THR A 228 7.68 -9.79 13.22
C THR A 228 8.32 -8.48 12.69
N GLY A 229 8.53 -8.40 11.40
CA GLY A 229 9.03 -7.17 10.78
C GLY A 229 8.11 -5.99 10.98
N ALA A 230 6.79 -6.22 10.88
CA ALA A 230 5.81 -5.16 11.10
C ALA A 230 5.89 -4.59 12.51
N LEU A 231 5.96 -5.49 13.49
CA LEU A 231 6.03 -5.10 14.90
C LEU A 231 7.37 -4.39 15.18
N ASP A 232 8.45 -4.86 14.56
CA ASP A 232 9.76 -4.17 14.67
C ASP A 232 9.67 -2.74 14.10
N LYS A 233 9.01 -2.56 12.96
CA LYS A 233 8.80 -1.21 12.40
C LYS A 233 7.96 -0.33 13.32
N LEU A 234 6.88 -0.89 13.84
CA LEU A 234 6.02 -0.14 14.74
C LEU A 234 6.78 0.26 16.01
N ASP A 235 7.43 -0.71 16.63
CA ASP A 235 8.23 -0.48 17.86
C ASP A 235 9.29 0.62 17.66
N ASP A 236 10.01 0.52 16.56
CA ASP A 236 11.05 1.49 16.27
C ASP A 236 10.49 2.89 16.05
N PHE A 237 9.33 2.97 15.39
CA PHE A 237 8.69 4.24 15.14
C PHE A 237 8.22 4.89 16.44
N ILE A 238 7.57 4.10 17.30
CA ILE A 238 7.05 4.65 18.58
C ILE A 238 8.20 5.16 19.42
N ASP A 239 9.26 4.36 19.51
CA ASP A 239 10.46 4.71 20.27
C ASP A 239 11.39 5.66 19.50
N GLY A 240 11.03 5.99 18.26
CA GLY A 240 11.88 6.80 17.41
C GLY A 240 11.16 7.96 16.76
N ALA A 241 10.99 7.83 15.43
CA ALA A 241 10.56 8.93 14.56
C ALA A 241 9.16 9.49 14.83
N LEU A 242 8.36 8.82 15.65
CA LEU A 242 7.10 9.44 16.08
C LEU A 242 7.42 10.82 16.67
N LYS A 243 8.51 10.91 17.41
CA LYS A 243 8.96 12.20 17.91
C LYS A 243 9.46 13.07 16.75
N GLY A 244 8.77 14.17 16.54
CA GLY A 244 9.06 15.12 15.45
C GLY A 244 8.43 14.73 14.12
N TYR A 245 7.55 13.74 14.14
CA TYR A 245 6.87 13.24 12.94
C TYR A 245 6.16 14.36 12.16
N GLU A 246 5.41 15.19 12.87
CA GLU A 246 4.61 16.22 12.19
C GLU A 246 5.48 17.16 11.35
N GLU A 247 6.58 17.62 11.95
CA GLU A 247 7.50 18.53 11.29
C GLU A 247 8.38 17.82 10.24
N GLY A 248 8.76 16.58 10.51
CA GLY A 248 9.71 15.87 9.67
C GLY A 248 9.18 15.17 8.43
N ARG A 249 7.90 14.83 8.44
N ARG A 249 7.89 14.82 8.44
CA ARG A 249 7.31 13.98 7.40
CA ARG A 249 7.31 13.98 7.39
C ARG A 249 7.27 14.60 6.00
C ARG A 249 7.26 14.61 6.01
N ASP A 250 7.35 15.94 5.90
CA ASP A 250 7.30 16.63 4.60
C ASP A 250 8.61 16.59 3.82
N PHE A 251 9.70 16.20 4.48
CA PHE A 251 11.04 16.33 3.93
C PHE A 251 11.63 14.96 3.58
N PRO A 252 11.69 14.62 2.27
CA PRO A 252 12.04 13.26 1.88
C PRO A 252 13.45 12.79 2.26
N ALA A 253 14.38 13.71 2.47
CA ALA A 253 15.73 13.35 2.90
C ALA A 253 15.71 12.77 4.32
N LYS A 254 14.69 13.14 5.10
CA LYS A 254 14.62 12.72 6.50
C LYS A 254 13.90 11.40 6.66
N PRO A 255 14.50 10.44 7.40
CA PRO A 255 13.81 9.19 7.67
C PRO A 255 12.79 9.36 8.81
N ALA A 256 11.75 10.17 8.58
CA ALA A 256 10.86 10.61 9.65
C ALA A 256 9.51 9.88 9.72
N THR A 257 9.24 8.97 8.79
CA THR A 257 7.96 8.27 8.72
C THR A 257 8.08 6.83 9.25
N SER A 258 6.94 6.16 9.41
CA SER A 258 6.91 4.83 10.03
C SER A 258 7.37 3.66 9.16
N LEU A 259 7.22 3.80 7.84
CA LEU A 259 7.47 2.71 6.87
C LEU A 259 6.59 1.46 7.18
N LEU A 260 5.39 1.72 7.70
CA LEU A 260 4.46 0.64 7.99
C LEU A 260 3.60 0.27 6.78
N SER A 261 3.61 1.09 5.72
CA SER A 261 2.61 0.94 4.64
C SER A 261 2.50 -0.47 4.03
N PRO A 262 3.65 -1.14 3.70
CA PRO A 262 3.47 -2.48 3.11
C PRO A 262 3.02 -3.54 4.11
N HIS A 263 3.35 -3.32 5.39
CA HIS A 263 2.88 -4.21 6.46
C HIS A 263 1.37 -4.07 6.63
N LEU A 264 0.88 -2.84 6.58
CA LEU A 264 -0.57 -2.56 6.66
C LEU A 264 -1.29 -3.12 5.44
N ALA A 265 -0.71 -2.93 4.26
CA ALA A 265 -1.28 -3.42 3.00
C ALA A 265 -1.42 -4.95 2.99
N ALA A 266 -0.40 -5.63 3.51
CA ALA A 266 -0.37 -7.09 3.56
C ALA A 266 -1.13 -7.68 4.77
N GLY A 267 -1.64 -6.81 5.66
CA GLY A 267 -2.36 -7.24 6.86
C GLY A 267 -1.49 -7.93 7.88
N GLU A 268 -0.22 -7.56 7.89
CA GLU A 268 0.76 -8.11 8.83
C GLU A 268 0.67 -7.43 10.19
N ILE A 269 -0.02 -6.29 10.22
CA ILE A 269 -0.35 -5.60 11.45
C ILE A 269 -1.69 -4.91 11.22
N SER A 270 -2.53 -4.85 12.25
CA SER A 270 -3.83 -4.19 12.13
C SER A 270 -3.73 -2.69 12.42
N PRO A 271 -4.61 -1.88 11.81
CA PRO A 271 -4.58 -0.45 12.14
C PRO A 271 -4.94 -0.20 13.62
N ALA A 272 -5.74 -1.09 14.23
CA ALA A 272 -6.07 -0.93 15.65
C ALA A 272 -4.83 -1.10 16.52
N ALA A 273 -3.95 -2.04 16.15
CA ALA A 273 -2.69 -2.24 16.89
C ALA A 273 -1.80 -1.00 16.77
N VAL A 274 -1.70 -0.46 15.56
CA VAL A 274 -0.93 0.78 15.33
C VAL A 274 -1.51 1.94 16.16
N TRP A 275 -2.81 2.12 16.11
CA TRP A 275 -3.48 3.18 16.90
C TRP A 275 -3.24 3.03 18.40
N HIS A 276 -3.45 1.81 18.91
CA HIS A 276 -3.29 1.56 20.36
C HIS A 276 -1.85 1.80 20.82
N ALA A 277 -0.89 1.55 19.93
CA ALA A 277 0.53 1.81 20.23
C ALA A 277 0.85 3.30 20.44
N THR A 278 -0.04 4.19 19.99
CA THR A 278 0.15 5.64 20.17
C THR A 278 -0.50 6.16 21.46
N LYS A 279 -1.15 5.27 22.20
CA LYS A 279 -1.78 5.64 23.45
C LYS A 279 -0.77 5.60 24.58
N GLY A 280 -0.98 6.47 25.57
CA GLY A 280 -0.20 6.45 26.81
C GLY A 280 1.23 6.93 26.69
N LEU A 281 1.49 7.85 25.77
CA LEU A 281 2.86 8.30 25.48
C LEU A 281 3.16 9.74 25.90
N SER A 282 2.26 10.37 26.65
CA SER A 282 2.40 11.80 26.97
C SER A 282 3.66 12.16 27.77
N ARG A 283 4.22 11.20 28.51
CA ARG A 283 5.47 11.46 29.24
C ARG A 283 6.64 11.83 28.31
N HIS A 284 6.60 11.33 27.06
CA HIS A 284 7.68 11.51 26.09
C HIS A 284 7.34 12.13 24.74
N ILE A 285 6.07 12.09 24.33
CA ILE A 285 5.68 12.44 22.97
C ILE A 285 4.62 13.54 22.98
N ALA A 286 4.80 14.52 22.11
CA ALA A 286 3.88 15.63 21.94
C ALA A 286 2.59 15.17 21.26
N SER A 287 1.47 15.69 21.75
CA SER A 287 0.17 15.35 21.20
C SER A 287 0.03 15.66 19.71
N ASN A 288 0.69 16.70 19.21
CA ASN A 288 0.59 17.06 17.79
CA ASN A 288 0.60 17.07 17.80
C ASN A 288 1.20 15.99 16.88
N ASP A 289 2.27 15.35 17.33
CA ASP A 289 2.89 14.28 16.55
C ASP A 289 1.98 13.05 16.46
N ILE A 290 1.37 12.71 17.59
CA ILE A 290 0.43 11.59 17.66
C ILE A 290 -0.80 11.87 16.80
N SER A 291 -1.35 13.08 16.93
N SER A 291 -1.36 13.08 16.93
CA SER A 291 -2.53 13.47 16.15
CA SER A 291 -2.54 13.47 16.16
C SER A 291 -2.26 13.37 14.66
C SER A 291 -2.27 13.40 14.66
N ARG A 292 -1.12 13.91 14.23
CA ARG A 292 -0.74 13.88 12.80
C ARG A 292 -0.56 12.45 12.28
N PHE A 293 0.12 11.61 13.05
CA PHE A 293 0.29 10.20 12.66
C PHE A 293 -1.07 9.49 12.57
N ARG A 294 -1.93 9.71 13.55
CA ARG A 294 -3.30 9.16 13.52
C ARG A 294 -4.07 9.62 12.28
N LYS A 295 -3.93 10.89 11.92
CA LYS A 295 -4.57 11.39 10.69
C LYS A 295 -4.14 10.59 9.46
N GLU A 296 -2.85 10.23 9.39
CA GLU A 296 -2.36 9.48 8.24
C GLU A 296 -2.95 8.07 8.18
N ILE A 297 -3.06 7.43 9.34
CA ILE A 297 -3.77 6.15 9.45
C ILE A 297 -5.21 6.30 8.94
N VAL A 298 -5.86 7.41 9.29
CA VAL A 298 -7.22 7.69 8.87
C VAL A 298 -7.31 8.05 7.38
N TRP A 299 -6.25 8.59 6.78
CA TRP A 299 -6.22 8.75 5.30
C TRP A 299 -6.36 7.39 4.60
N ARG A 300 -5.71 6.35 5.14
CA ARG A 300 -5.90 4.98 4.61
C ARG A 300 -7.38 4.56 4.71
N GLU A 301 -7.98 4.80 5.88
CA GLU A 301 -9.41 4.53 6.09
C GLU A 301 -10.26 5.24 5.06
N PHE A 302 -9.96 6.52 4.85
CA PHE A 302 -10.74 7.34 3.94
C PHE A 302 -10.64 6.82 2.50
N CYS A 303 -9.44 6.41 2.10
CA CYS A 303 -9.27 5.83 0.75
C CYS A 303 -10.16 4.60 0.56
N TYR A 304 -10.23 3.73 1.58
CA TYR A 304 -11.12 2.56 1.54
C TYR A 304 -12.60 2.96 1.53
N HIS A 305 -12.94 4.03 2.26
CA HIS A 305 -14.32 4.56 2.24
C HIS A 305 -14.72 4.97 0.83
N LEU A 306 -13.84 5.70 0.17
CA LEU A 306 -14.08 6.18 -1.19
C LEU A 306 -14.17 5.01 -2.18
N LEU A 307 -13.29 4.02 -2.04
CA LEU A 307 -13.34 2.84 -2.90
C LEU A 307 -14.64 2.05 -2.73
N PHE A 308 -15.09 1.91 -1.49
CA PHE A 308 -16.39 1.26 -1.23
C PHE A 308 -17.53 1.97 -1.96
N HIS A 309 -17.53 3.29 -1.87
CA HIS A 309 -18.58 4.12 -2.46
C HIS A 309 -18.41 4.33 -3.95
N PHE A 310 -17.20 4.07 -4.47
CA PHE A 310 -16.90 4.22 -5.89
C PHE A 310 -15.94 3.11 -6.33
N PRO A 311 -16.48 1.90 -6.56
CA PRO A 311 -15.64 0.74 -6.87
C PRO A 311 -14.75 0.89 -8.10
N GLU A 312 -15.12 1.78 -9.03
CA GLU A 312 -14.34 2.03 -10.23
CA GLU A 312 -14.31 2.02 -10.23
C GLU A 312 -13.24 3.09 -10.03
N LEU A 313 -12.88 3.38 -8.77
CA LEU A 313 -11.86 4.38 -8.41
C LEU A 313 -10.53 4.24 -9.16
N GLY A 314 -10.13 3.02 -9.46
CA GLY A 314 -8.89 2.80 -10.20
C GLY A 314 -8.95 2.88 -11.71
N GLU A 315 -10.16 2.98 -12.28
N GLU A 315 -10.17 2.99 -12.26
CA GLU A 315 -10.36 2.97 -13.75
CA GLU A 315 -10.42 2.90 -13.70
C GLU A 315 -11.20 4.10 -14.34
C GLU A 315 -11.21 4.08 -14.31
N LYS A 316 -12.14 4.67 -13.56
CA LYS A 316 -12.99 5.76 -14.06
C LYS A 316 -12.78 7.02 -13.25
N ASN A 317 -12.84 8.18 -13.91
CA ASN A 317 -12.71 9.45 -13.22
C ASN A 317 -13.84 9.61 -12.20
N TRP A 318 -13.49 9.98 -10.98
CA TRP A 318 -14.50 10.34 -9.98
C TRP A 318 -15.38 11.50 -10.51
N ASN A 319 -14.73 12.49 -11.11
CA ASN A 319 -15.41 13.60 -11.74
C ASN A 319 -15.45 13.32 -13.24
N ASP A 320 -16.64 13.00 -13.76
CA ASP A 320 -16.76 12.61 -15.17
C ASP A 320 -16.53 13.76 -16.16
N SER A 321 -16.43 14.99 -15.67
CA SER A 321 -16.04 16.13 -16.52
C SER A 321 -14.66 15.92 -17.14
N PHE A 322 -13.83 15.09 -16.51
CA PHE A 322 -12.51 14.76 -17.05
C PHE A 322 -12.50 13.66 -18.10
N ASP A 323 -13.64 13.04 -18.39
CA ASP A 323 -13.68 11.91 -19.31
C ASP A 323 -13.18 12.26 -20.70
N ALA A 324 -13.47 13.47 -21.14
CA ALA A 324 -13.09 13.89 -22.48
C ALA A 324 -11.70 14.54 -22.54
N PHE A 325 -10.96 14.52 -21.43
CA PHE A 325 -9.63 15.09 -21.40
C PHE A 325 -8.75 14.39 -22.43
N SER A 326 -8.00 15.17 -23.21
CA SER A 326 -7.17 14.60 -24.28
CA SER A 326 -7.16 14.62 -24.28
C SER A 326 -5.73 14.40 -23.81
N TRP A 327 -5.41 13.18 -23.39
CA TRP A 327 -4.08 12.87 -22.89
C TRP A 327 -3.15 12.68 -24.07
N ARG A 328 -1.88 12.99 -23.87
CA ARG A 328 -0.86 12.77 -24.90
C ARG A 328 -0.60 11.30 -25.12
N ASP A 329 -0.39 10.93 -26.37
CA ASP A 329 0.09 9.62 -26.75
C ASP A 329 1.59 9.78 -26.95
N ASP A 330 2.34 9.56 -25.85
CA ASP A 330 3.78 9.78 -25.83
C ASP A 330 4.44 8.77 -24.90
N GLU A 331 4.55 7.54 -25.40
CA GLU A 331 5.12 6.45 -24.63
C GLU A 331 6.61 6.70 -24.30
N LYS A 332 7.30 7.41 -25.18
CA LYS A 332 8.70 7.80 -24.92
C LYS A 332 8.85 8.61 -23.61
N SER A 333 8.01 9.64 -23.44
CA SER A 333 8.03 10.45 -22.21
CA SER A 333 8.05 10.45 -22.20
C SER A 333 7.61 9.63 -20.99
N PHE A 334 6.64 8.74 -21.19
CA PHE A 334 6.19 7.87 -20.11
C PHE A 334 7.35 7.00 -19.64
N LYS A 335 8.06 6.40 -20.60
CA LYS A 335 9.23 5.59 -20.27
C LYS A 335 10.29 6.40 -19.53
N ALA A 336 10.56 7.62 -19.99
CA ALA A 336 11.54 8.47 -19.31
C ALA A 336 11.13 8.71 -17.86
N TRP A 337 9.83 8.93 -17.65
CA TRP A 337 9.28 9.08 -16.30
C TRP A 337 9.54 7.81 -15.44
N THR A 338 9.18 6.64 -15.96
CA THR A 338 9.34 5.38 -15.20
C THR A 338 10.80 5.12 -14.81
N ARG A 339 11.72 5.57 -15.67
CA ARG A 339 13.17 5.37 -15.45
C ARG A 339 13.84 6.46 -14.62
N GLY A 340 13.10 7.50 -14.24
CA GLY A 340 13.70 8.65 -13.60
C GLY A 340 14.73 9.32 -14.48
N MET A 341 14.36 9.56 -15.74
N MET A 341 14.34 9.57 -15.72
CA MET A 341 15.20 10.28 -16.69
CA MET A 341 15.17 10.29 -16.70
C MET A 341 14.46 11.49 -17.29
C MET A 341 14.44 11.49 -17.29
N THR A 342 13.76 12.24 -16.43
CA THR A 342 13.01 13.41 -16.85
C THR A 342 13.87 14.67 -16.94
N GLY A 343 15.02 14.67 -16.27
CA GLY A 343 15.89 15.86 -16.20
C GLY A 343 15.49 16.83 -15.09
N TYR A 344 14.45 16.47 -14.32
CA TYR A 344 14.02 17.20 -13.12
C TYR A 344 14.48 16.36 -11.92
N PRO A 345 15.55 16.80 -11.24
CA PRO A 345 16.16 15.93 -10.21
C PRO A 345 15.23 15.35 -9.14
N ILE A 346 14.32 16.16 -8.61
CA ILE A 346 13.44 15.65 -7.55
C ILE A 346 12.52 14.54 -8.05
N VAL A 347 12.05 14.67 -9.30
CA VAL A 347 11.21 13.66 -9.93
C VAL A 347 12.04 12.40 -10.15
N ASP A 348 13.22 12.58 -10.71
CA ASP A 348 14.12 11.46 -10.98
C ASP A 348 14.54 10.71 -9.72
N ALA A 349 14.84 11.46 -8.66
CA ALA A 349 15.15 10.86 -7.37
C ALA A 349 14.02 9.95 -6.89
N GLY A 350 12.78 10.44 -6.95
CA GLY A 350 11.62 9.64 -6.55
C GLY A 350 11.46 8.36 -7.35
N MET A 351 11.55 8.47 -8.67
CA MET A 351 11.34 7.29 -9.52
C MET A 351 12.46 6.27 -9.33
N ARG A 352 13.67 6.75 -9.06
CA ARG A 352 14.81 5.87 -8.79
C ARG A 352 14.72 5.23 -7.40
N GLN A 353 14.27 5.99 -6.41
CA GLN A 353 13.99 5.43 -5.09
C GLN A 353 13.00 4.27 -5.21
N LEU A 354 11.91 4.50 -5.94
CA LEU A 354 10.89 3.50 -6.18
C LEU A 354 11.48 2.23 -6.81
N TRP A 355 12.26 2.41 -7.86
CA TRP A 355 12.89 1.28 -8.54
C TRP A 355 13.82 0.49 -7.61
N GLN A 356 14.58 1.19 -6.77
CA GLN A 356 15.58 0.55 -5.92
C GLN A 356 15.00 -0.11 -4.67
N HIS A 357 14.06 0.57 -4.01
CA HIS A 357 13.57 0.14 -2.69
C HIS A 357 12.08 -0.27 -2.62
N GLY A 358 11.36 -0.14 -3.73
CA GLY A 358 9.95 -0.53 -3.76
C GLY A 358 9.04 0.41 -3.01
N THR A 359 9.49 1.64 -2.78
CA THR A 359 8.68 2.63 -2.10
C THR A 359 9.14 4.02 -2.50
N MET A 360 8.35 5.02 -2.13
CA MET A 360 8.70 6.41 -2.41
C MET A 360 8.12 7.28 -1.32
N HIS A 361 8.88 8.29 -0.91
CA HIS A 361 8.39 9.25 0.08
C HIS A 361 7.08 9.89 -0.42
N ASN A 362 6.10 10.06 0.47
CA ASN A 362 4.78 10.56 0.05
C ASN A 362 4.79 11.91 -0.68
N ARG A 363 5.55 12.86 -0.17
CA ARG A 363 5.69 14.16 -0.85
C ARG A 363 6.17 13.98 -2.29
N VAL A 364 7.13 13.07 -2.46
CA VAL A 364 7.69 12.84 -3.78
C VAL A 364 6.69 12.07 -4.66
N ARG A 365 5.87 11.19 -4.06
CA ARG A 365 4.78 10.55 -4.83
C ARG A 365 3.87 11.60 -5.44
N MET A 366 3.50 12.62 -4.66
CA MET A 366 2.65 13.69 -5.16
C MET A 366 3.35 14.45 -6.30
N ILE A 367 4.63 14.73 -6.12
CA ILE A 367 5.42 15.45 -7.14
C ILE A 367 5.54 14.66 -8.44
N VAL A 368 5.87 13.37 -8.34
CA VAL A 368 6.05 12.57 -9.57
C VAL A 368 4.73 12.32 -10.29
N ALA A 369 3.65 12.17 -9.51
CA ALA A 369 2.32 11.95 -10.07
C ALA A 369 1.88 13.20 -10.82
N SER A 370 2.04 14.36 -10.19
CA SER A 370 1.73 15.61 -10.85
C SER A 370 2.58 15.84 -12.10
N PHE A 371 3.86 15.49 -12.04
CA PHE A 371 4.70 15.64 -13.22
C PHE A 371 4.18 14.82 -14.41
N LEU A 372 3.76 13.59 -14.14
CA LEU A 372 3.23 12.72 -15.21
C LEU A 372 1.94 13.29 -15.83
N ILE A 373 1.00 13.66 -14.96
CA ILE A 373 -0.34 14.08 -15.36
C ILE A 373 -0.33 15.47 -16.02
N LYS A 374 0.41 16.40 -15.42
CA LYS A 374 0.38 17.79 -15.86
C LYS A 374 1.53 18.17 -16.77
N HIS A 375 2.75 17.91 -16.35
CA HIS A 375 3.90 18.24 -17.22
C HIS A 375 4.00 17.38 -18.46
N LEU A 376 3.71 16.08 -18.35
CA LEU A 376 3.75 15.19 -19.53
C LEU A 376 2.37 14.94 -20.16
N LEU A 377 1.31 15.34 -19.46
CA LEU A 377 -0.07 15.17 -19.94
C LEU A 377 -0.38 13.71 -20.27
N ILE A 378 0.08 12.81 -19.40
N ILE A 378 0.08 12.81 -19.40
CA ILE A 378 -0.12 11.37 -19.60
CA ILE A 378 -0.11 11.37 -19.59
C ILE A 378 -1.19 10.88 -18.65
C ILE A 378 -1.19 10.89 -18.65
N ASP A 379 -2.05 10.01 -19.17
CA ASP A 379 -3.17 9.42 -18.41
C ASP A 379 -2.73 8.90 -17.04
N TRP A 380 -3.37 9.42 -15.99
CA TRP A 380 -3.04 9.01 -14.61
C TRP A 380 -3.11 7.50 -14.38
N ARG A 381 -3.97 6.82 -15.14
CA ARG A 381 -4.12 5.38 -15.05
C ARG A 381 -2.81 4.67 -15.37
N LYS A 382 -1.99 5.25 -16.26
CA LYS A 382 -0.69 4.66 -16.59
C LYS A 382 0.25 4.76 -15.40
N GLY A 383 0.25 5.90 -14.71
CA GLY A 383 1.05 6.06 -13.50
C GLY A 383 0.59 5.13 -12.38
N GLU A 384 -0.74 5.03 -12.22
CA GLU A 384 -1.32 4.12 -11.25
CA GLU A 384 -1.34 4.12 -11.25
C GLU A 384 -0.86 2.68 -11.48
N LYS A 385 -0.89 2.24 -12.74
N LYS A 385 -0.89 2.25 -12.74
CA LYS A 385 -0.44 0.90 -13.10
CA LYS A 385 -0.46 0.91 -13.12
C LYS A 385 1.04 0.69 -12.83
C LYS A 385 1.03 0.69 -12.84
N TRP A 386 1.86 1.70 -13.12
CA TRP A 386 3.30 1.60 -12.85
C TRP A 386 3.54 1.42 -11.34
N PHE A 387 2.84 2.23 -10.54
CA PHE A 387 2.93 2.12 -9.08
C PHE A 387 2.47 0.75 -8.59
N ARG A 388 1.40 0.23 -9.19
CA ARG A 388 0.91 -1.12 -8.85
C ARG A 388 1.97 -2.20 -9.00
N ASP A 389 2.85 -2.05 -10.00
CA ASP A 389 3.89 -3.05 -10.28
C ASP A 389 5.15 -2.86 -9.43
N THR A 390 5.35 -1.66 -8.90
CA THR A 390 6.64 -1.30 -8.29
C THR A 390 6.63 -1.00 -6.79
N LEU A 391 5.45 -0.73 -6.24
CA LEU A 391 5.30 -0.49 -4.80
C LEU A 391 5.08 -1.77 -4.02
N VAL A 392 5.91 -2.01 -3.00
CA VAL A 392 5.62 -3.08 -2.05
C VAL A 392 4.30 -2.81 -1.30
N ASP A 393 3.92 -1.54 -1.15
CA ASP A 393 2.68 -1.16 -0.44
C ASP A 393 1.48 -0.93 -1.34
N ALA A 394 1.57 -1.31 -2.62
CA ALA A 394 0.47 -1.09 -3.55
C ALA A 394 -0.85 -1.51 -2.93
N ASP A 395 -1.80 -0.59 -2.91
CA ASP A 395 -3.09 -0.80 -2.27
C ASP A 395 -4.21 -0.37 -3.23
N PRO A 396 -5.24 -1.22 -3.41
CA PRO A 396 -6.28 -0.90 -4.40
C PRO A 396 -7.11 0.35 -4.08
N ALA A 397 -7.15 0.75 -2.82
CA ALA A 397 -7.84 1.97 -2.42
C ALA A 397 -6.90 3.16 -2.42
N SER A 398 -5.76 3.03 -1.74
CA SER A 398 -4.89 4.19 -1.55
C SER A 398 -4.19 4.66 -2.81
N ASN A 399 -3.77 3.73 -3.65
CA ASN A 399 -3.10 4.10 -4.90
C ASN A 399 -4.08 4.86 -5.80
N ALA A 400 -5.21 4.24 -6.10
CA ALA A 400 -6.24 4.87 -6.94
C ALA A 400 -6.71 6.23 -6.40
N ALA A 401 -7.01 6.27 -5.11
CA ALA A 401 -7.52 7.51 -4.49
C ALA A 401 -6.51 8.65 -4.63
N ASN A 402 -5.25 8.37 -4.31
CA ASN A 402 -4.23 9.40 -4.37
C ASN A 402 -3.95 9.89 -5.79
N TRP A 403 -3.90 8.98 -6.75
CA TRP A 403 -3.78 9.38 -8.16
C TRP A 403 -4.94 10.29 -8.59
N GLN A 404 -6.17 9.94 -8.21
CA GLN A 404 -7.32 10.78 -8.56
C GLN A 404 -7.26 12.17 -7.94
N TRP A 405 -6.78 12.28 -6.70
CA TRP A 405 -6.64 13.60 -6.06
C TRP A 405 -5.59 14.45 -6.79
N VAL A 406 -4.46 13.84 -7.15
CA VAL A 406 -3.44 14.57 -7.90
C VAL A 406 -3.98 15.02 -9.27
N ALA A 407 -4.81 14.16 -9.87
CA ALA A 407 -5.42 14.42 -11.20
C ALA A 407 -6.53 15.47 -11.19
N GLY A 408 -7.02 15.85 -10.00
CA GLY A 408 -8.02 16.90 -9.89
C GLY A 408 -9.45 16.45 -9.66
N SER A 409 -9.67 15.16 -9.38
CA SER A 409 -11.03 14.64 -9.04
C SER A 409 -11.19 14.45 -7.52
N GLY A 410 -12.31 14.93 -6.96
CA GLY A 410 -12.60 14.76 -5.53
C GLY A 410 -12.59 16.05 -4.75
N ALA A 411 -13.33 16.08 -3.66
CA ALA A 411 -13.40 17.27 -2.81
C ALA A 411 -12.06 17.66 -2.22
N ASP A 412 -11.21 16.67 -1.98
CA ASP A 412 -9.86 16.92 -1.45
C ASP A 412 -8.78 17.05 -2.52
N ALA A 413 -9.20 17.05 -3.78
CA ALA A 413 -8.27 17.21 -4.89
C ALA A 413 -7.79 18.65 -4.99
N SER A 414 -6.54 18.81 -5.39
CA SER A 414 -6.04 20.10 -5.77
C SER A 414 -6.64 20.37 -7.16
N PRO A 415 -7.13 21.61 -7.40
CA PRO A 415 -7.66 21.92 -8.73
C PRO A 415 -6.63 21.66 -9.83
N PHE A 416 -7.08 21.25 -11.00
CA PHE A 416 -6.15 20.90 -12.08
C PHE A 416 -5.22 22.05 -12.44
N PHE A 417 -5.76 23.27 -12.44
CA PHE A 417 -5.01 24.48 -12.80
C PHE A 417 -3.88 24.86 -11.83
N ARG A 418 -3.86 24.27 -10.63
CA ARG A 418 -2.73 24.44 -9.72
C ARG A 418 -1.59 23.53 -10.16
N ILE A 419 -0.57 24.14 -10.78
CA ILE A 419 0.59 23.40 -11.32
C ILE A 419 1.87 24.02 -10.79
N PHE A 420 2.52 23.37 -9.86
CA PHE A 420 3.79 23.88 -9.36
C PHE A 420 4.95 23.30 -10.11
N ASN A 421 6.02 24.09 -10.14
CA ASN A 421 7.27 23.69 -10.71
C ASN A 421 7.92 22.66 -9.78
N PRO A 422 8.27 21.48 -10.31
CA PRO A 422 9.02 20.49 -9.53
C PRO A 422 10.29 21.06 -8.91
N ILE A 423 10.91 22.00 -9.60
CA ILE A 423 12.14 22.63 -9.13
C ILE A 423 11.90 23.33 -7.80
N LEU A 424 10.83 24.13 -7.75
CA LEU A 424 10.45 24.86 -6.54
C LEU A 424 10.04 23.91 -5.41
N GLN A 425 9.27 22.88 -5.74
CA GLN A 425 8.91 21.85 -4.77
C GLN A 425 10.16 21.17 -4.20
N GLY A 426 11.10 20.82 -5.08
CA GLY A 426 12.39 20.28 -4.69
C GLY A 426 13.17 21.17 -3.74
N GLU A 427 13.28 22.45 -4.08
CA GLU A 427 13.99 23.42 -3.25
C GLU A 427 13.27 23.68 -1.91
N LYS A 428 11.94 23.58 -1.90
CA LYS A 428 11.16 23.77 -0.67
C LYS A 428 11.31 22.62 0.31
N PHE A 429 11.15 21.39 -0.20
CA PHE A 429 11.13 20.18 0.64
C PHE A 429 12.46 19.43 0.70
N ASP A 430 13.45 19.82 -0.13
CA ASP A 430 14.78 19.21 -0.15
C ASP A 430 15.86 20.28 -0.41
N GLY A 431 15.84 21.34 0.39
CA GLY A 431 16.66 22.53 0.15
C GLY A 431 18.14 22.29 -0.02
N ASP A 432 18.72 21.44 0.82
CA ASP A 432 20.14 21.12 0.73
C ASP A 432 20.46 20.08 -0.35
N GLY A 433 19.41 19.45 -0.91
CA GLY A 433 19.57 18.50 -2.00
C GLY A 433 19.97 17.09 -1.58
N ASP A 434 19.85 16.78 -0.28
CA ASP A 434 20.31 15.48 0.25
C ASP A 434 19.54 14.29 -0.32
N TYR A 435 18.24 14.42 -0.49
CA TYR A 435 17.44 13.35 -1.11
C TYR A 435 17.84 13.16 -2.58
N VAL A 436 18.00 14.27 -3.31
CA VAL A 436 18.43 14.20 -4.71
C VAL A 436 19.81 13.54 -4.85
N ARG A 437 20.76 13.95 -4.02
CA ARG A 437 22.12 13.37 -4.03
C ARG A 437 22.13 11.88 -3.71
N ARG A 438 21.20 11.44 -2.86
N ARG A 438 21.21 11.45 -2.86
CA ARG A 438 21.10 10.03 -2.49
CA ARG A 438 21.12 10.04 -2.48
C ARG A 438 20.71 9.17 -3.66
C ARG A 438 20.69 9.15 -3.65
N PHE A 439 19.72 9.62 -4.44
CA PHE A 439 19.18 8.84 -5.56
C PHE A 439 19.62 9.26 -6.95
N VAL A 440 20.22 10.43 -7.07
CA VAL A 440 20.81 10.90 -8.33
C VAL A 440 22.27 11.29 -7.98
N PRO A 441 23.11 10.28 -7.64
CA PRO A 441 24.48 10.54 -7.17
C PRO A 441 25.39 11.19 -8.20
N GLU A 442 25.08 11.10 -9.48
CA GLU A 442 25.82 11.83 -10.50
C GLU A 442 25.75 13.37 -10.33
N LEU A 443 24.77 13.86 -9.58
CA LEU A 443 24.68 15.29 -9.23
C LEU A 443 25.31 15.65 -7.86
N GLU A 444 25.94 14.67 -7.20
N GLU A 444 25.94 14.68 -7.20
CA GLU A 444 26.57 14.82 -5.86
CA GLU A 444 26.52 14.84 -5.84
C GLU A 444 27.30 16.13 -5.62
C GLU A 444 27.31 16.13 -5.61
N LYS A 445 28.13 16.52 -6.60
CA LYS A 445 29.03 17.67 -6.42
C LYS A 445 28.43 19.04 -6.69
N LEU A 446 27.21 19.08 -7.24
CA LEU A 446 26.54 20.37 -7.45
C LEU A 446 26.17 21.00 -6.13
N GLU A 447 26.30 22.32 -6.08
CA GLU A 447 25.92 23.12 -4.92
C GLU A 447 24.41 23.23 -4.89
N ARG A 448 23.84 23.57 -3.72
CA ARG A 448 22.38 23.61 -3.58
C ARG A 448 21.71 24.60 -4.53
N LYS A 449 22.44 25.67 -4.90
CA LYS A 449 21.94 26.66 -5.88
C LYS A 449 21.45 26.02 -7.18
N TYR A 450 22.11 24.93 -7.60
CA TYR A 450 21.78 24.27 -8.87
C TYR A 450 21.34 22.81 -8.79
N ILE A 451 21.36 22.21 -7.60
CA ILE A 451 21.03 20.78 -7.44
C ILE A 451 19.65 20.40 -8.01
N HIS A 452 18.67 21.30 -7.90
CA HIS A 452 17.31 21.03 -8.43
C HIS A 452 17.07 21.56 -9.83
N LYS A 453 18.04 22.29 -10.38
CA LYS A 453 17.95 22.85 -11.71
C LYS A 453 19.34 22.87 -12.36
N PRO A 454 19.95 21.68 -12.58
CA PRO A 454 21.29 21.63 -13.17
C PRO A 454 21.38 22.28 -14.55
N PHE A 455 20.26 22.29 -15.26
CA PHE A 455 20.13 22.93 -16.59
C PHE A 455 20.21 24.47 -16.59
N GLU A 456 20.09 25.10 -15.41
CA GLU A 456 20.29 26.55 -15.27
C GLU A 456 21.71 26.90 -14.84
N ALA A 457 22.51 25.90 -14.47
CA ALA A 457 23.87 26.13 -13.99
C ALA A 457 24.79 26.55 -15.14
N PRO A 458 25.86 27.32 -14.83
CA PRO A 458 26.78 27.76 -15.87
C PRO A 458 27.80 26.67 -16.15
N LYS A 459 28.41 26.71 -17.34
CA LYS A 459 29.39 25.71 -17.79
C LYS A 459 30.50 25.41 -16.78
N ASP A 460 31.00 26.48 -16.15
CA ASP A 460 32.08 26.37 -15.15
C ASP A 460 31.69 25.49 -13.96
N ALA A 461 30.47 25.69 -13.46
CA ALA A 461 29.97 24.93 -12.30
C ALA A 461 29.72 23.46 -12.65
N LEU A 462 29.10 23.24 -13.81
CA LEU A 462 28.85 21.88 -14.32
C LEU A 462 30.16 21.14 -14.53
N LYS A 463 31.14 21.82 -15.11
CA LYS A 463 32.48 21.28 -15.31
C LYS A 463 33.10 20.86 -13.97
N LYS A 464 33.09 21.78 -13.00
CA LYS A 464 33.64 21.52 -11.67
C LYS A 464 32.95 20.36 -10.93
N ALA A 465 31.64 20.22 -11.13
CA ALA A 465 30.85 19.13 -10.52
C ALA A 465 30.91 17.80 -11.28
N GLY A 466 31.52 17.79 -12.46
CA GLY A 466 31.64 16.57 -13.27
C GLY A 466 30.32 16.17 -13.91
N VAL A 467 29.50 17.16 -14.24
CA VAL A 467 28.19 16.93 -14.85
C VAL A 467 28.19 17.44 -16.28
N GLU A 468 27.96 16.52 -17.22
CA GLU A 468 27.72 16.86 -18.60
C GLU A 468 26.26 16.57 -18.92
N LEU A 469 25.48 17.61 -19.13
CA LEU A 469 24.05 17.44 -19.43
C LEU A 469 23.90 16.78 -20.79
N GLY A 470 23.06 15.74 -20.85
CA GLY A 470 22.91 14.91 -22.03
C GLY A 470 23.76 13.64 -22.04
N LYS A 471 24.62 13.48 -21.03
CA LYS A 471 25.47 12.28 -20.90
C LYS A 471 25.39 11.74 -19.48
N THR A 472 25.92 12.52 -18.56
CA THR A 472 25.90 12.24 -17.11
C THR A 472 24.48 12.27 -16.54
N TYR A 473 23.71 13.24 -16.98
CA TYR A 473 22.34 13.47 -16.51
C TYR A 473 21.56 14.17 -17.64
N PRO A 474 20.28 13.78 -17.86
CA PRO A 474 19.59 14.35 -19.02
C PRO A 474 19.14 15.79 -18.85
N LEU A 475 18.96 16.49 -19.96
CA LEU A 475 18.31 17.80 -19.97
C LEU A 475 16.84 17.59 -19.67
N PRO A 476 16.13 18.66 -19.23
CA PRO A 476 14.70 18.51 -18.98
C PRO A 476 13.99 18.02 -20.21
N ILE A 477 13.15 17.00 -20.06
N ILE A 477 13.16 17.00 -20.03
CA ILE A 477 12.43 16.43 -21.21
CA ILE A 477 12.43 16.39 -21.12
C ILE A 477 11.29 17.33 -21.68
C ILE A 477 11.30 17.30 -21.64
N VAL A 478 10.87 18.26 -20.82
CA VAL A 478 9.93 19.31 -21.21
C VAL A 478 10.32 20.61 -20.48
N ASP A 479 10.06 21.76 -21.11
CA ASP A 479 10.25 23.06 -20.49
C ASP A 479 9.06 23.31 -19.58
N HIS A 480 9.32 23.80 -18.35
CA HIS A 480 8.24 24.02 -17.37
C HIS A 480 7.15 24.94 -17.92
N GLY A 481 7.55 26.09 -18.44
CA GLY A 481 6.60 27.08 -18.97
C GLY A 481 5.73 26.52 -20.08
N LYS A 482 6.37 25.88 -21.06
CA LYS A 482 5.63 25.29 -22.19
C LYS A 482 4.70 24.16 -21.72
N ALA A 483 5.18 23.35 -20.77
CA ALA A 483 4.39 22.24 -20.23
C ALA A 483 3.16 22.77 -19.52
N ARG A 484 3.38 23.81 -18.73
CA ARG A 484 2.31 24.49 -18.02
C ARG A 484 1.24 25.03 -18.99
N GLU A 485 1.69 25.74 -20.03
CA GLU A 485 0.77 26.27 -21.07
C GLU A 485 -0.02 25.16 -21.74
N ARG A 486 0.66 24.06 -22.05
CA ARG A 486 0.01 22.92 -22.70
C ARG A 486 -1.05 22.29 -21.80
N ALA A 487 -0.75 22.12 -20.52
CA ALA A 487 -1.69 21.50 -19.58
C ALA A 487 -2.92 22.39 -19.37
N LEU A 488 -2.71 23.69 -19.27
CA LEU A 488 -3.82 24.61 -19.08
C LEU A 488 -4.67 24.74 -20.36
N ALA A 489 -4.03 24.66 -21.52
CA ALA A 489 -4.79 24.60 -22.78
C ALA A 489 -5.63 23.32 -22.85
N ALA A 490 -5.09 22.21 -22.37
CA ALA A 490 -5.84 20.93 -22.35
C ALA A 490 -7.03 21.02 -21.39
N TYR A 491 -6.81 21.70 -20.26
CA TYR A 491 -7.88 21.96 -19.29
C TYR A 491 -8.98 22.83 -19.89
N ALA A 492 -8.59 23.89 -20.57
CA ALA A 492 -9.56 24.76 -21.25
C ALA A 492 -10.38 23.97 -22.30
N ALA A 493 -9.70 23.10 -23.05
CA ALA A 493 -10.37 22.28 -24.06
C ALA A 493 -11.41 21.34 -23.47
N VAL A 494 -11.09 20.71 -22.33
CA VAL A 494 -12.01 19.75 -21.72
C VAL A 494 -13.26 20.45 -21.20
N LYS A 495 -13.13 21.71 -20.79
CA LYS A 495 -14.28 22.50 -20.31
C LYS A 495 -15.27 22.78 -21.41
N LYS A 496 -14.75 22.99 -22.62
CA LYS A 496 -15.58 23.20 -23.80
C LYS A 496 -16.28 21.89 -24.27
N THR A 497 -16.09 20.79 -23.54
CA THR A 497 -16.76 19.52 -23.79
C THR A 497 -17.75 19.27 -22.66
#